data_5ZZK
#
_entry.id   5ZZK
#
_cell.length_a   153.880
_cell.length_b   39.640
_cell.length_c   55.830
_cell.angle_alpha   90.000
_cell.angle_beta   90.000
_cell.angle_gamma   90.000
#
_symmetry.space_group_name_H-M   'P 21 21 2'
#
loop_
_entity.id
_entity.type
_entity.pdbx_description
1 polymer 'Monofunctional glycosyltransferase'
2 water water
#
_entity_poly.entity_id   1
_entity_poly.type   'polypeptide(L)'
_entity_poly.pdbx_seq_one_letter_code
;GSHMQPVGKPPKKKKSKRILLKILLTILIIIALFIGIMYFLSTRDNVDELRKIENKSSFVSADNMPEYVKGAFISMEDER
FYNHHGFDLKGTTRALFSTISDRDVQGGSTITQQVVKNYFYDNDRSFTRKVKELFVAHRVEKQYNKNEILSFYLNNIYFG
DNQYTLEGAANHYFGTTVNKNSTTMSHITVLQSAILASKVNAPSVYNINNMSENFTQRVSTNLEKMKQQNYINETQYQQA
MSQLNR
;
_entity_poly.pdbx_strand_id   A
#
# COMPACT_ATOMS: atom_id res chain seq x y z
N ILE A 30 32.91 18.69 0.38
CA ILE A 30 32.45 17.67 -0.64
C ILE A 30 31.14 16.95 -0.21
N ILE A 31 30.88 16.82 1.10
CA ILE A 31 29.59 16.24 1.65
C ILE A 31 28.46 17.31 1.54
N ALA A 32 28.83 18.60 1.52
CA ALA A 32 27.90 19.62 1.06
C ALA A 32 27.68 19.44 -0.44
N LEU A 33 28.79 19.37 -1.20
CA LEU A 33 28.76 19.29 -2.67
C LEU A 33 28.18 17.99 -3.25
N PHE A 34 28.17 16.93 -2.46
CA PHE A 34 27.43 15.71 -2.78
C PHE A 34 25.93 15.82 -2.42
N ILE A 35 25.58 16.65 -1.43
CA ILE A 35 24.15 16.80 -1.11
C ILE A 35 23.45 17.56 -2.24
N GLY A 36 24.10 18.60 -2.77
CA GLY A 36 23.55 19.44 -3.83
C GLY A 36 23.47 18.84 -5.22
N ILE A 37 24.46 18.05 -5.61
CA ILE A 37 24.45 17.47 -6.95
C ILE A 37 23.34 16.40 -6.99
N MET A 38 23.23 15.64 -5.90
CA MET A 38 22.10 14.74 -5.66
C MET A 38 20.74 15.41 -5.67
N TYR A 39 20.69 16.64 -5.23
CA TYR A 39 19.48 17.40 -5.30
C TYR A 39 19.13 17.83 -6.72
N PHE A 40 20.10 18.33 -7.51
CA PHE A 40 19.87 18.60 -8.96
C PHE A 40 19.23 17.38 -9.64
N LEU A 41 19.85 16.21 -9.47
CA LEU A 41 19.37 14.98 -10.11
C LEU A 41 17.94 14.68 -9.66
N SER A 42 17.68 14.96 -8.39
CA SER A 42 16.36 14.83 -7.81
C SER A 42 15.30 15.62 -8.57
N THR A 43 15.60 16.86 -8.97
CA THR A 43 14.58 17.70 -9.66
C THR A 43 14.21 17.28 -11.11
N ARG A 44 15.05 16.45 -11.77
CA ARG A 44 14.73 15.81 -13.10
C ARG A 44 13.32 15.23 -12.98
N ASP A 45 13.09 14.59 -11.84
CA ASP A 45 11.89 13.82 -11.58
C ASP A 45 10.76 14.69 -11.01
N ASN A 46 9.93 15.21 -11.92
CA ASN A 46 8.78 16.04 -11.55
C ASN A 46 7.78 15.17 -10.81
N VAL A 47 7.19 15.78 -9.81
CA VAL A 47 6.34 15.13 -8.85
C VAL A 47 4.86 15.27 -9.31
N ASP A 48 4.61 16.15 -10.30
CA ASP A 48 3.27 16.30 -10.92
C ASP A 48 2.93 14.99 -11.65
N GLU A 49 3.92 14.34 -12.25
CA GLU A 49 3.75 13.05 -12.89
C GLU A 49 3.02 11.96 -12.09
N LEU A 50 3.17 11.93 -10.76
CA LEU A 50 2.40 10.96 -9.97
C LEU A 50 0.93 11.02 -10.25
N ARG A 51 0.44 12.19 -10.64
CA ARG A 51 -0.94 12.39 -10.98
C ARG A 51 -1.48 11.34 -12.00
N LYS A 52 -0.63 10.91 -12.93
CA LYS A 52 -1.02 9.96 -13.99
C LYS A 52 -1.38 8.53 -13.49
N ILE A 53 -1.20 8.23 -12.21
CA ILE A 53 -1.62 6.95 -11.66
C ILE A 53 -3.15 6.91 -11.65
N GLU A 54 -3.77 8.09 -11.59
CA GLU A 54 -5.22 8.21 -11.53
C GLU A 54 -5.85 7.77 -12.84
N ASN A 55 -5.13 7.97 -13.95
CA ASN A 55 -5.67 7.68 -15.29
C ASN A 55 -5.89 6.18 -15.55
N LYS A 56 -5.23 5.30 -14.79
CA LYS A 56 -5.39 3.82 -14.92
C LYS A 56 -6.82 3.31 -14.73
N SER A 57 -7.16 2.34 -15.56
CA SER A 57 -8.50 1.79 -15.60
C SER A 57 -8.97 1.18 -14.25
N SER A 58 -8.17 0.33 -13.58
CA SER A 58 -8.56 -0.19 -12.24
C SER A 58 -8.23 0.72 -11.02
N PHE A 59 -7.98 2.01 -11.20
CA PHE A 59 -7.60 2.86 -10.08
C PHE A 59 -8.76 2.99 -9.13
N VAL A 60 -8.46 3.06 -7.85
CA VAL A 60 -9.46 3.38 -6.84
C VAL A 60 -8.78 4.28 -5.83
N SER A 61 -9.37 5.43 -5.45
CA SER A 61 -8.69 6.26 -4.44
C SER A 61 -8.88 5.71 -3.01
N ALA A 62 -7.93 6.03 -2.16
CA ALA A 62 -8.12 5.80 -0.73
C ALA A 62 -9.47 6.28 -0.21
N ASP A 63 -9.88 7.50 -0.54
CA ASP A 63 -11.17 8.05 -0.08
C ASP A 63 -12.33 7.04 -0.20
N ASN A 64 -12.29 6.20 -1.23
CA ASN A 64 -13.30 5.17 -1.44
C ASN A 64 -13.02 3.79 -0.85
N MET A 65 -11.93 3.64 -0.10
CA MET A 65 -11.54 2.34 0.46
C MET A 65 -12.01 2.27 1.90
N PRO A 66 -12.50 1.10 2.34
CA PRO A 66 -12.88 0.93 3.74
C PRO A 66 -11.74 1.18 4.67
N GLU A 67 -12.03 1.72 5.85
CA GLU A 67 -10.99 2.00 6.86
C GLU A 67 -9.88 0.95 7.05
N TYR A 68 -10.31 -0.29 7.06
CA TYR A 68 -9.47 -1.33 7.45
C TYR A 68 -8.56 -1.82 6.39
N VAL A 69 -8.86 -1.47 5.14
CA VAL A 69 -8.02 -1.78 4.02
C VAL A 69 -6.83 -0.82 4.07
N LYS A 70 -7.08 0.48 4.16
CA LYS A 70 -5.98 1.40 4.36
C LYS A 70 -5.18 0.93 5.59
N GLY A 71 -5.82 0.40 6.63
CA GLY A 71 -5.15 0.00 7.87
C GLY A 71 -4.16 -1.16 7.67
N ALA A 72 -4.61 -2.21 7.01
CA ALA A 72 -3.70 -3.22 6.52
C ALA A 72 -2.35 -2.58 6.09
N PHE A 73 -2.42 -1.56 5.22
CA PHE A 73 -1.21 -1.02 4.59
C PHE A 73 -0.35 -0.17 5.52
N ILE A 74 -1.03 0.75 6.16
CA ILE A 74 -0.40 1.68 7.02
C ILE A 74 0.26 0.95 8.17
N SER A 75 -0.47 0.07 8.84
CA SER A 75 -0.01 -0.60 10.05
C SER A 75 1.21 -1.49 9.83
N MET A 76 1.30 -2.09 8.67
CA MET A 76 2.49 -2.87 8.26
C MET A 76 3.77 -2.06 7.85
N GLU A 77 3.61 -0.97 7.13
CA GLU A 77 4.73 -0.28 6.45
C GLU A 77 5.09 1.07 7.04
N ASP A 78 4.11 1.76 7.58
CA ASP A 78 4.28 3.16 7.92
C ASP A 78 3.22 3.50 8.93
N GLU A 79 3.40 3.03 10.16
CA GLU A 79 2.47 3.21 11.30
C GLU A 79 1.95 4.64 11.42
N ARG A 80 2.86 5.58 11.24
CA ARG A 80 2.61 6.98 11.47
C ARG A 80 2.60 7.75 10.14
N PHE A 81 2.10 7.12 9.07
CA PHE A 81 1.79 7.78 7.82
C PHE A 81 1.03 9.12 7.88
N TYR A 82 -0.03 9.25 8.66
CA TYR A 82 -0.73 10.53 8.74
C TYR A 82 0.01 11.70 9.45
N ASN A 83 0.93 11.42 10.36
CA ASN A 83 1.60 12.50 11.11
C ASN A 83 3.01 12.89 10.64
N HIS A 84 3.71 12.01 9.94
CA HIS A 84 5.02 12.31 9.38
C HIS A 84 4.88 13.23 8.12
N HIS A 85 6.03 13.55 7.49
CA HIS A 85 6.15 14.57 6.44
C HIS A 85 7.07 14.18 5.31
N THR A 110 9.04 3.54 4.32
CA THR A 110 7.96 4.55 4.50
C THR A 110 7.18 5.02 3.24
N ILE A 111 5.85 5.11 3.37
CA ILE A 111 4.93 5.15 2.22
C ILE A 111 5.25 6.19 1.16
N THR A 112 5.59 7.40 1.60
CA THR A 112 5.86 8.48 0.69
C THR A 112 7.12 8.15 -0.06
N GLN A 113 8.13 7.63 0.61
CA GLN A 113 9.35 7.20 -0.09
C GLN A 113 9.13 5.97 -0.96
N GLN A 114 8.26 5.07 -0.50
CA GLN A 114 7.93 3.90 -1.29
C GLN A 114 7.30 4.35 -2.61
N VAL A 115 6.25 5.20 -2.53
CA VAL A 115 5.63 5.85 -3.70
C VAL A 115 6.63 6.34 -4.75
N VAL A 116 7.64 7.11 -4.29
CA VAL A 116 8.68 7.65 -5.14
C VAL A 116 9.50 6.52 -5.76
N LYS A 117 10.10 5.65 -4.94
CA LYS A 117 10.94 4.58 -5.48
C LYS A 117 10.22 3.86 -6.61
N ASN A 118 8.97 3.45 -6.40
CA ASN A 118 8.17 2.63 -7.36
C ASN A 118 7.72 3.26 -8.64
N TYR A 119 7.48 4.56 -8.63
CA TYR A 119 7.07 5.27 -9.86
C TYR A 119 8.28 5.67 -10.70
N PHE A 120 9.34 6.20 -10.10
CA PHE A 120 10.49 6.67 -10.86
C PHE A 120 11.62 5.63 -10.97
N TYR A 121 11.86 4.86 -9.91
CA TYR A 121 13.08 4.03 -9.80
C TYR A 121 12.74 2.54 -9.71
N LYS A 132 18.53 10.72 -2.24
CA LYS A 132 17.91 11.29 -3.46
C LYS A 132 16.41 11.05 -3.65
N GLU A 133 15.96 9.89 -3.22
CA GLU A 133 14.55 9.56 -3.06
C GLU A 133 13.89 10.38 -1.93
N LEU A 134 14.73 10.84 -0.99
CA LEU A 134 14.30 11.67 0.13
C LEU A 134 13.91 13.01 -0.39
N PHE A 135 14.63 13.52 -1.40
CA PHE A 135 14.36 14.86 -1.87
C PHE A 135 13.06 14.84 -2.64
N VAL A 136 12.91 13.83 -3.48
CA VAL A 136 11.64 13.68 -4.19
C VAL A 136 10.53 13.57 -3.11
N ALA A 137 10.75 12.75 -2.08
CA ALA A 137 9.81 12.54 -1.01
C ALA A 137 9.33 13.79 -0.32
N HIS A 138 10.25 14.65 0.08
CA HIS A 138 9.89 15.96 0.63
C HIS A 138 8.81 16.61 -0.21
N ARG A 139 9.01 16.57 -1.54
CA ARG A 139 8.23 17.36 -2.49
C ARG A 139 6.86 16.80 -2.74
N VAL A 140 6.76 15.48 -2.80
CA VAL A 140 5.46 14.83 -2.82
C VAL A 140 4.61 15.36 -1.64
N GLU A 141 5.22 15.44 -0.44
CA GLU A 141 4.53 15.96 0.76
C GLU A 141 4.10 17.46 0.70
N LYS A 142 4.90 18.33 0.11
CA LYS A 142 4.41 19.68 -0.10
C LYS A 142 3.23 19.68 -1.08
N GLN A 143 3.21 18.83 -2.12
CA GLN A 143 2.19 18.99 -3.21
C GLN A 143 0.93 18.19 -2.95
N TYR A 144 1.00 17.12 -2.16
CA TYR A 144 -0.15 16.21 -2.03
C TYR A 144 -0.65 15.99 -0.60
N ASN A 145 -1.98 15.92 -0.44
CA ASN A 145 -2.58 15.55 0.82
C ASN A 145 -2.17 14.08 1.12
N LYS A 146 -2.54 13.54 2.28
CA LYS A 146 -2.10 12.22 2.65
C LYS A 146 -2.90 11.22 1.87
N ASN A 147 -4.20 11.41 1.73
CA ASN A 147 -5.02 10.45 1.00
C ASN A 147 -4.66 10.34 -0.48
N GLU A 148 -4.32 11.46 -1.10
CA GLU A 148 -3.69 11.37 -2.43
C GLU A 148 -2.46 10.44 -2.51
N ILE A 149 -1.46 10.72 -1.65
CA ILE A 149 -0.19 9.99 -1.54
C ILE A 149 -0.49 8.49 -1.31
N LEU A 150 -1.38 8.22 -0.37
CA LEU A 150 -1.78 6.88 -0.11
C LEU A 150 -2.34 6.19 -1.33
N SER A 151 -3.19 6.86 -2.11
CA SER A 151 -3.74 6.28 -3.38
C SER A 151 -2.68 5.94 -4.45
N PHE A 152 -1.67 6.80 -4.57
CA PHE A 152 -0.56 6.56 -5.46
C PHE A 152 0.11 5.26 -5.06
N TYR A 153 0.35 5.11 -3.74
CA TYR A 153 1.00 3.89 -3.17
C TYR A 153 0.22 2.67 -3.61
N LEU A 154 -1.02 2.65 -3.22
CA LEU A 154 -1.84 1.50 -3.37
C LEU A 154 -2.16 1.16 -4.82
N ASN A 155 -1.98 2.10 -5.76
CA ASN A 155 -2.33 1.84 -7.18
C ASN A 155 -1.09 1.65 -8.06
N ASN A 156 0.08 1.49 -7.42
CA ASN A 156 1.31 1.31 -8.14
C ASN A 156 2.32 0.53 -7.30
N ILE A 157 2.06 -0.79 -7.19
CA ILE A 157 2.93 -1.75 -6.44
C ILE A 157 2.71 -3.19 -6.79
N TYR A 158 3.72 -3.99 -6.60
CA TYR A 158 3.62 -5.32 -7.05
C TYR A 158 2.94 -6.26 -6.07
N PHE A 159 1.83 -6.85 -6.47
CA PHE A 159 1.01 -7.74 -5.61
C PHE A 159 1.09 -9.17 -6.09
N GLY A 160 1.97 -9.41 -7.09
CA GLY A 160 2.06 -10.69 -7.81
C GLY A 160 1.24 -10.80 -9.07
N ASP A 161 1.56 -11.85 -9.82
CA ASP A 161 0.80 -12.20 -11.01
C ASP A 161 0.38 -10.97 -11.88
N ASN A 162 1.29 -10.01 -11.95
CA ASN A 162 1.22 -8.91 -12.91
C ASN A 162 0.20 -7.87 -12.51
N GLN A 163 0.04 -7.69 -11.19
CA GLN A 163 -0.99 -6.76 -10.69
C GLN A 163 -0.29 -5.71 -9.93
N TYR A 164 -0.49 -4.52 -10.43
CA TYR A 164 0.13 -3.37 -9.94
C TYR A 164 -0.87 -2.40 -9.28
N THR A 165 -2.16 -2.74 -9.28
CA THR A 165 -3.16 -1.98 -8.53
C THR A 165 -3.79 -2.85 -7.45
N LEU A 166 -4.20 -2.22 -6.34
CA LEU A 166 -4.89 -2.94 -5.26
C LEU A 166 -6.14 -3.64 -5.78
N GLU A 167 -6.94 -2.92 -6.57
CA GLU A 167 -8.18 -3.44 -7.07
C GLU A 167 -7.95 -4.55 -8.11
N GLY A 168 -6.88 -4.47 -8.88
CA GLY A 168 -6.65 -5.49 -9.89
C GLY A 168 -6.25 -6.75 -9.17
N ALA A 169 -5.38 -6.56 -8.17
CA ALA A 169 -4.98 -7.62 -7.22
C ALA A 169 -6.13 -8.37 -6.53
N ALA A 170 -6.99 -7.59 -5.89
CA ALA A 170 -8.15 -8.08 -5.17
C ALA A 170 -9.11 -8.78 -6.12
N ASN A 171 -9.49 -8.11 -7.19
CA ASN A 171 -10.34 -8.81 -8.20
C ASN A 171 -9.69 -10.16 -8.61
N HIS A 172 -8.36 -10.19 -8.76
CA HIS A 172 -7.69 -11.29 -9.39
C HIS A 172 -7.48 -12.54 -8.50
N TYR A 173 -7.01 -12.33 -7.29
CA TYR A 173 -6.89 -13.43 -6.31
C TYR A 173 -8.18 -13.81 -5.68
N PHE A 174 -9.09 -12.86 -5.47
CA PHE A 174 -10.21 -13.12 -4.57
C PHE A 174 -11.59 -12.86 -5.07
N GLY A 175 -11.77 -12.24 -6.24
CA GLY A 175 -13.11 -11.88 -6.73
C GLY A 175 -13.76 -10.83 -5.86
N THR A 176 -12.96 -10.04 -5.13
CA THR A 176 -13.52 -9.01 -4.24
C THR A 176 -12.98 -7.69 -4.63
N THR A 177 -13.71 -6.65 -4.16
CA THR A 177 -13.41 -5.24 -4.39
C THR A 177 -13.06 -4.43 -3.14
N VAL A 178 -12.32 -3.38 -3.44
CA VAL A 178 -11.66 -2.59 -2.44
C VAL A 178 -12.40 -1.25 -2.42
N ASN A 179 -13.54 -1.17 -3.08
CA ASN A 179 -14.24 0.07 -3.21
C ASN A 179 -15.53 -0.07 -2.45
N LYS A 180 -15.60 0.66 -1.34
CA LYS A 180 -16.73 0.52 -0.39
C LYS A 180 -18.06 0.92 -0.99
N ASN A 181 -18.02 1.73 -2.04
CA ASN A 181 -19.25 2.19 -2.64
C ASN A 181 -19.88 1.14 -3.58
N SER A 182 -19.12 0.07 -3.92
CA SER A 182 -19.61 -0.93 -4.86
C SER A 182 -20.75 -1.85 -4.33
N THR A 183 -21.77 -2.06 -5.14
CA THR A 183 -22.92 -2.90 -4.85
C THR A 183 -23.04 -4.05 -5.86
N THR A 184 -21.95 -4.23 -6.64
CA THR A 184 -21.89 -5.05 -7.84
C THR A 184 -20.93 -6.19 -7.67
N MET A 185 -20.04 -6.07 -6.70
CA MET A 185 -19.11 -7.10 -6.40
C MET A 185 -18.80 -7.12 -4.90
N SER A 186 -18.77 -8.32 -4.36
CA SER A 186 -18.38 -8.66 -2.99
C SER A 186 -17.21 -7.87 -2.41
N HIS A 187 -17.35 -7.37 -1.18
CA HIS A 187 -16.27 -6.54 -0.57
C HIS A 187 -15.15 -7.36 0.00
N ILE A 188 -13.98 -6.69 0.07
CA ILE A 188 -12.72 -7.33 0.40
C ILE A 188 -12.85 -7.49 1.89
N THR A 189 -12.38 -8.67 2.34
CA THR A 189 -12.42 -9.13 3.75
C THR A 189 -11.16 -8.59 4.46
N VAL A 190 -11.19 -8.45 5.79
CA VAL A 190 -10.00 -8.07 6.53
C VAL A 190 -8.87 -9.00 6.25
N LEU A 191 -9.12 -10.32 6.08
CA LEU A 191 -8.02 -11.24 5.95
C LEU A 191 -7.36 -10.95 4.61
N GLN A 192 -8.21 -10.75 3.59
CA GLN A 192 -7.66 -10.52 2.22
C GLN A 192 -6.90 -9.24 2.17
N SER A 193 -7.26 -8.29 3.04
CA SER A 193 -6.60 -6.98 3.06
C SER A 193 -5.19 -7.14 3.60
N ALA A 194 -5.13 -7.91 4.69
CA ALA A 194 -3.90 -8.24 5.37
C ALA A 194 -3.00 -9.03 4.44
N ILE A 195 -3.57 -9.97 3.69
CA ILE A 195 -2.77 -10.67 2.69
C ILE A 195 -2.10 -9.79 1.58
N LEU A 196 -2.91 -8.94 0.93
CA LEU A 196 -2.41 -8.01 -0.05
C LEU A 196 -1.45 -7.05 0.60
N ALA A 197 -1.75 -6.56 1.81
CA ALA A 197 -0.72 -5.68 2.52
C ALA A 197 0.64 -6.35 2.84
N SER A 198 0.55 -7.53 3.45
CA SER A 198 1.76 -8.37 3.72
C SER A 198 2.71 -8.61 2.53
N LYS A 199 2.14 -8.71 1.31
CA LYS A 199 2.87 -9.08 0.08
C LYS A 199 3.80 -7.97 -0.43
N VAL A 200 3.32 -6.76 -0.47
CA VAL A 200 4.02 -5.68 -1.15
C VAL A 200 5.55 -5.57 -0.91
N ASN A 201 5.98 -5.69 0.33
CA ASN A 201 7.39 -5.79 0.62
C ASN A 201 7.74 -7.24 1.10
N ALA A 202 6.91 -8.25 0.85
CA ALA A 202 7.29 -9.61 1.15
C ALA A 202 8.40 -10.16 0.28
N PRO A 203 9.12 -11.20 0.73
CA PRO A 203 10.03 -11.87 -0.26
C PRO A 203 9.29 -12.31 -1.52
N SER A 204 9.98 -12.40 -2.63
CA SER A 204 9.41 -12.74 -3.93
C SER A 204 8.65 -14.08 -3.99
N VAL A 205 9.25 -15.17 -3.42
CA VAL A 205 8.61 -16.50 -3.27
C VAL A 205 7.27 -16.47 -2.61
N TYR A 206 7.00 -15.49 -1.76
CA TYR A 206 5.76 -15.41 -1.05
C TYR A 206 4.65 -15.31 -2.08
N ASN A 207 3.75 -16.31 -2.09
CA ASN A 207 2.71 -16.44 -3.10
C ASN A 207 1.24 -16.56 -2.58
N ILE A 208 0.39 -15.56 -2.93
CA ILE A 208 -1.04 -15.52 -2.52
C ILE A 208 -1.81 -16.76 -3.02
N ASN A 209 -1.51 -17.19 -4.23
CA ASN A 209 -2.15 -18.40 -4.77
C ASN A 209 -1.80 -19.65 -4.01
N ASN A 210 -0.70 -19.65 -3.25
CA ASN A 210 -0.35 -20.80 -2.38
C ASN A 210 0.62 -20.38 -1.23
N MET A 211 -0.02 -19.83 -0.20
CA MET A 211 0.71 -19.23 0.91
C MET A 211 1.42 -20.30 1.70
N SER A 212 2.72 -20.06 1.88
CA SER A 212 3.53 -20.79 2.79
C SER A 212 3.21 -20.41 4.24
N GLU A 213 3.85 -21.14 5.14
CA GLU A 213 3.72 -20.91 6.55
C GLU A 213 4.51 -19.65 6.92
N ASN A 214 5.56 -19.32 6.16
CA ASN A 214 6.37 -18.12 6.36
C ASN A 214 5.42 -16.94 6.07
N PHE A 215 4.69 -17.07 4.97
CA PHE A 215 3.85 -15.99 4.49
C PHE A 215 2.68 -15.80 5.50
N THR A 216 2.07 -16.91 5.89
CA THR A 216 1.04 -16.91 6.93
C THR A 216 1.47 -16.20 8.18
N GLN A 217 2.67 -16.51 8.64
CA GLN A 217 3.27 -15.76 9.71
C GLN A 217 3.30 -14.28 9.46
N ARG A 218 3.75 -13.85 8.30
CA ARG A 218 3.71 -12.41 7.97
C ARG A 218 2.27 -11.86 7.99
N VAL A 219 1.27 -12.59 7.48
CA VAL A 219 -0.04 -12.05 7.60
C VAL A 219 -0.62 -12.07 9.05
N SER A 220 -0.23 -13.06 9.85
CA SER A 220 -0.59 -13.07 11.27
C SER A 220 -0.14 -11.80 11.95
N THR A 221 1.06 -11.41 11.59
CA THR A 221 1.68 -10.21 12.13
C THR A 221 1.01 -8.91 11.59
N ASN A 222 0.72 -8.85 10.29
CA ASN A 222 -0.09 -7.78 9.70
C ASN A 222 -1.37 -7.56 10.53
N LEU A 223 -2.10 -8.67 10.70
CA LEU A 223 -3.36 -8.70 11.47
C LEU A 223 -3.17 -8.16 12.91
N GLU A 224 -2.15 -8.66 13.64
CA GLU A 224 -1.88 -8.28 15.03
C GLU A 224 -1.68 -6.77 15.05
N LYS A 225 -0.97 -6.27 14.05
CA LYS A 225 -0.71 -4.84 13.96
C LYS A 225 -1.99 -4.00 13.74
N MET A 226 -2.82 -4.45 12.79
CA MET A 226 -4.19 -3.86 12.53
C MET A 226 -4.97 -3.69 13.84
N LYS A 227 -5.09 -4.79 14.57
CA LYS A 227 -5.76 -4.81 15.88
C LYS A 227 -5.09 -3.93 16.94
N GLN A 228 -3.76 -3.94 17.02
CA GLN A 228 -3.05 -3.03 17.92
C GLN A 228 -3.28 -1.57 17.62
N GLN A 229 -3.15 -1.17 16.34
CA GLN A 229 -3.43 0.24 15.94
C GLN A 229 -4.93 0.55 15.72
N ASN A 230 -5.82 -0.34 16.15
CA ASN A 230 -7.29 -0.08 16.17
C ASN A 230 -7.99 0.03 14.83
N TYR A 231 -7.43 -0.45 13.74
CA TYR A 231 -8.23 -0.43 12.50
C TYR A 231 -9.30 -1.54 12.42
N ILE A 232 -9.15 -2.60 13.21
CA ILE A 232 -10.17 -3.67 13.36
C ILE A 232 -10.39 -4.03 14.83
N ASN A 233 -11.45 -4.76 15.12
CA ASN A 233 -11.76 -5.22 16.49
C ASN A 233 -11.52 -6.77 16.70
N GLU A 234 -11.75 -7.20 17.94
CA GLU A 234 -11.44 -8.60 18.40
C GLU A 234 -12.15 -9.69 17.57
N THR A 235 -13.44 -9.48 17.35
CA THR A 235 -14.27 -10.24 16.39
C THR A 235 -13.68 -10.26 14.96
N GLN A 236 -13.49 -9.07 14.41
CA GLN A 236 -12.89 -8.97 13.10
C GLN A 236 -11.61 -9.76 13.07
N TYR A 237 -10.81 -9.65 14.12
CA TYR A 237 -9.43 -10.26 14.14
C TYR A 237 -9.43 -11.76 14.36
N GLN A 238 -10.19 -12.28 15.33
CA GLN A 238 -10.29 -13.75 15.40
C GLN A 238 -11.06 -14.32 14.25
N GLN A 239 -11.87 -13.55 13.59
CA GLN A 239 -12.47 -14.08 12.38
C GLN A 239 -11.44 -14.25 11.23
N ALA A 240 -10.59 -13.24 11.02
CA ALA A 240 -9.37 -13.33 10.19
C ALA A 240 -8.50 -14.49 10.57
N MET A 241 -8.05 -14.57 11.85
CA MET A 241 -7.09 -15.63 12.26
C MET A 241 -7.68 -17.00 12.05
N SER A 242 -8.99 -17.09 12.14
CA SER A 242 -9.62 -18.37 11.90
C SER A 242 -9.60 -18.75 10.39
N GLN A 243 -9.89 -17.81 9.49
CA GLN A 243 -9.97 -18.09 8.03
C GLN A 243 -8.48 -18.42 7.66
N LEU A 244 -7.53 -17.58 8.07
CA LEU A 244 -6.07 -17.83 8.01
C LEU A 244 -5.52 -19.19 8.61
N ASN A 245 -6.15 -19.86 9.57
CA ASN A 245 -5.74 -21.25 9.98
C ASN A 245 -6.91 -22.28 9.72
#